data_1EN1
#
_entry.id   1EN1
#
_cell.length_a   1.000
_cell.length_b   1.000
_cell.length_c   1.000
_cell.angle_alpha   90.00
_cell.angle_beta   90.00
_cell.angle_gamma   90.00
#
_symmetry.space_group_name_H-M   'P 1'
#
_entity_poly.entity_id   1
_entity_poly.type   'polydeoxyribonucleotide'
_entity_poly.pdbx_seq_one_letter_code
;(DG)(DT)(DC)(DC)(DC)(DT)(DG)(DT)(DT)(DC)(DG)(DG)(DG)(DC)(DG)(DC)(DC)(DA)
;
_entity_poly.pdbx_strand_id   A
#